data_3BUS
#
_entry.id   3BUS
#
_cell.length_a   119.153
_cell.length_b   119.153
_cell.length_c   84.412
_cell.angle_alpha   90.00
_cell.angle_beta   90.00
_cell.angle_gamma   90.00
#
_symmetry.space_group_name_H-M   'P 41 21 2'
#
loop_
_entity.id
_entity.type
_entity.pdbx_description
1 polymer Methyltransferase
2 non-polymer S-ADENOSYL-L-HOMOCYSTEINE
3 water water
#
_entity_poly.entity_id   1
_entity_poly.type   'polypeptide(L)'
_entity_poly.pdbx_seq_one_letter_code
;(MSE)AAPTPEEVRQ(MSE)YDDFTDPFARIWGENLHFGYWEDAGADVSVDDATDRLTDE(MSE)IALLDVRSGDRVLDV
GCGIGKPAVRLATARDVRVTGISISRPQVNQANARATAAGLANRVTFSYADA(MSE)DLPFEDASFDAVWALESLHH
(MSE)PDRGRALRE(MSE)ARVLRPGGTVAIADFVLLAPVEGAKKEAVDAFRAGGGVLSLGGIDEYESDVRQAELVVTST
VDISAQARPSLVKTAEAFENARSQVEPF(MSE)GAEGLDR(MSE)IATFRGLAEVPEAGYVLIGARKP
;
_entity_poly.pdbx_strand_id   A,B
#
loop_
_chem_comp.id
_chem_comp.type
_chem_comp.name
_chem_comp.formula
SAH non-polymer S-ADENOSYL-L-HOMOCYSTEINE 'C14 H20 N6 O5 S'
#
# COMPACT_ATOMS: atom_id res chain seq x y z
N ILE A 23 -30.11 -3.94 -7.75
CA ILE A 23 -30.22 -3.29 -9.10
C ILE A 23 -29.15 -2.22 -9.34
N TRP A 24 -28.49 -1.74 -8.29
CA TRP A 24 -27.41 -0.77 -8.49
C TRP A 24 -26.06 -1.50 -8.44
N GLY A 25 -26.12 -2.83 -8.40
CA GLY A 25 -24.94 -3.68 -8.32
C GLY A 25 -24.12 -3.65 -9.59
N GLU A 26 -24.54 -4.43 -10.57
CA GLU A 26 -23.93 -4.41 -11.90
C GLU A 26 -24.33 -3.15 -12.70
N ASN A 27 -24.20 -1.99 -12.08
CA ASN A 27 -24.49 -0.72 -12.76
C ASN A 27 -23.51 0.41 -12.45
N LEU A 28 -22.83 0.29 -11.32
CA LEU A 28 -21.75 1.18 -10.94
C LEU A 28 -20.46 0.40 -10.94
N HIS A 29 -19.47 0.91 -11.67
CA HIS A 29 -18.11 0.39 -11.66
C HIS A 29 -17.24 1.56 -11.35
N PHE A 30 -16.57 1.52 -10.20
CA PHE A 30 -15.69 2.61 -9.80
C PHE A 30 -14.52 2.76 -10.77
N GLY A 31 -13.98 3.97 -10.88
CA GLY A 31 -12.80 4.16 -11.70
C GLY A 31 -11.70 4.89 -10.96
N TYR A 32 -10.54 4.97 -11.62
CA TYR A 32 -9.38 5.70 -11.09
C TYR A 32 -9.31 7.05 -11.76
N TRP A 33 -9.46 8.12 -10.98
CA TRP A 33 -9.42 9.49 -11.49
C TRP A 33 -8.26 10.26 -10.85
N GLU A 34 -7.50 11.02 -11.64
CA GLU A 34 -6.25 11.59 -11.14
C GLU A 34 -6.15 13.09 -11.28
N ASP A 35 -6.79 13.63 -12.32
CA ASP A 35 -6.55 15.01 -12.70
C ASP A 35 -7.22 16.07 -11.82
N ALA A 36 -8.49 15.84 -11.49
CA ALA A 36 -9.42 16.90 -11.02
C ALA A 36 -9.81 17.85 -12.16
N GLY A 37 -9.16 17.70 -13.32
CA GLY A 37 -9.34 18.62 -14.45
C GLY A 37 -8.91 18.08 -15.82
N ALA A 38 -9.37 16.86 -16.14
CA ALA A 38 -9.30 16.32 -17.51
C ALA A 38 -10.59 15.59 -17.85
N ASP A 39 -11.19 15.96 -18.99
CA ASP A 39 -12.43 15.36 -19.45
C ASP A 39 -12.22 13.97 -20.03
N VAL A 40 -12.05 12.99 -19.14
CA VAL A 40 -11.97 11.58 -19.52
C VAL A 40 -13.31 10.89 -19.23
N SER A 41 -13.65 9.89 -20.04
CA SER A 41 -14.95 9.24 -19.92
C SER A 41 -15.02 8.32 -18.71
N VAL A 42 -16.23 7.88 -18.38
CA VAL A 42 -16.45 6.93 -17.28
C VAL A 42 -15.78 5.59 -17.63
N ASP A 43 -15.70 5.32 -18.92
CA ASP A 43 -15.09 4.10 -19.44
C ASP A 43 -13.57 4.17 -19.39
N ASP A 44 -13.05 5.39 -19.54
CA ASP A 44 -11.63 5.67 -19.38
C ASP A 44 -11.17 5.41 -17.95
N ALA A 45 -11.90 5.94 -16.96
CA ALA A 45 -11.52 5.78 -15.55
C ALA A 45 -11.63 4.35 -15.06
N THR A 46 -12.65 3.63 -15.55
CA THR A 46 -12.81 2.22 -15.21
C THR A 46 -11.64 1.38 -15.75
N ASP A 47 -11.21 1.67 -16.98
CA ASP A 47 -10.08 0.95 -17.59
C ASP A 47 -8.76 1.19 -16.84
N ARG A 48 -8.56 2.44 -16.41
CA ARG A 48 -7.38 2.75 -15.63
C ARG A 48 -7.31 1.91 -14.34
N LEU A 49 -8.46 1.76 -13.68
CA LEU A 49 -8.51 1.05 -12.41
C LEU A 49 -8.11 -0.40 -12.64
N THR A 50 -8.72 -0.99 -13.67
CA THR A 50 -8.37 -2.32 -14.15
C THR A 50 -6.87 -2.43 -14.38
N ASP A 51 -6.28 -1.46 -15.09
CA ASP A 51 -4.82 -1.38 -15.26
C ASP A 51 -3.98 -1.44 -13.95
N GLU A 52 -4.43 -0.77 -12.89
CA GLU A 52 -3.79 -0.95 -11.57
C GLU A 52 -3.91 -2.39 -11.06
N MSE A 53 -5.06 -3.04 -11.30
CA MSE A 53 -5.20 -4.41 -10.87
C MSE A 53 -4.32 -5.37 -11.67
O MSE A 53 -3.85 -6.38 -11.12
CB MSE A 53 -6.68 -4.84 -10.89
CG MSE A 53 -7.48 -4.15 -9.80
SE MSE A 53 -7.17 -4.82 -8.03
CE MSE A 53 -8.26 -6.42 -8.32
N ILE A 54 -4.09 -5.05 -12.95
CA ILE A 54 -3.26 -5.90 -13.81
C ILE A 54 -1.83 -5.88 -13.31
N ALA A 55 -1.37 -4.67 -12.97
CA ALA A 55 -0.05 -4.46 -12.42
C ALA A 55 0.10 -5.09 -11.03
N LEU A 56 -1.00 -5.25 -10.31
CA LEU A 56 -0.91 -5.65 -8.91
C LEU A 56 -0.90 -7.17 -8.75
N LEU A 57 -1.66 -7.88 -9.60
CA LEU A 57 -1.35 -9.28 -9.96
C LEU A 57 0.06 -9.22 -10.50
N ASP A 58 0.78 -10.33 -10.53
CA ASP A 58 2.15 -10.21 -11.01
C ASP A 58 2.46 -11.32 -11.98
N VAL A 59 1.84 -11.21 -13.14
CA VAL A 59 1.58 -12.35 -13.98
C VAL A 59 2.46 -12.40 -15.26
N ARG A 60 2.85 -13.60 -15.68
CA ARG A 60 3.68 -13.75 -16.88
C ARG A 60 3.21 -14.80 -17.88
N SER A 61 3.69 -14.69 -19.11
CA SER A 61 3.31 -15.54 -20.23
C SER A 61 3.10 -16.99 -19.80
N GLY A 62 1.85 -17.45 -19.89
CA GLY A 62 1.52 -18.85 -19.62
C GLY A 62 0.81 -19.16 -18.32
N ASP A 63 0.59 -18.16 -17.47
CA ASP A 63 -0.09 -18.37 -16.20
C ASP A 63 -1.61 -18.58 -16.33
N ARG A 64 -2.24 -19.07 -15.27
CA ARG A 64 -3.69 -19.24 -15.25
C ARG A 64 -4.26 -18.32 -14.18
N VAL A 65 -5.36 -17.63 -14.50
CA VAL A 65 -5.96 -16.67 -13.59
C VAL A 65 -7.46 -16.95 -13.34
N LEU A 66 -7.82 -17.02 -12.06
CA LEU A 66 -9.22 -17.04 -11.64
C LEU A 66 -9.68 -15.61 -11.31
N ASP A 67 -10.88 -15.28 -11.79
CA ASP A 67 -11.52 -13.98 -11.62
C ASP A 67 -12.86 -14.23 -10.95
N VAL A 68 -13.04 -13.72 -9.75
CA VAL A 68 -14.20 -14.06 -8.93
C VAL A 68 -15.21 -12.90 -8.97
N GLY A 69 -16.41 -13.16 -9.47
CA GLY A 69 -17.35 -12.09 -9.76
C GLY A 69 -16.95 -11.32 -11.03
N CYS A 70 -16.93 -12.07 -12.14
CA CYS A 70 -16.59 -11.57 -13.49
C CYS A 70 -17.56 -10.53 -14.10
N GLY A 71 -18.77 -10.42 -13.55
CA GLY A 71 -19.76 -9.50 -14.12
C GLY A 71 -20.08 -9.88 -15.55
N ILE A 72 -20.03 -8.92 -16.47
CA ILE A 72 -20.25 -9.20 -17.89
C ILE A 72 -18.97 -9.35 -18.73
N GLY A 73 -17.80 -9.36 -18.05
CA GLY A 73 -16.56 -9.86 -18.64
C GLY A 73 -15.52 -8.84 -19.09
N LYS A 74 -15.82 -7.55 -18.93
CA LYS A 74 -14.93 -6.50 -19.45
C LYS A 74 -13.52 -6.57 -18.84
N PRO A 75 -13.40 -6.55 -17.50
CA PRO A 75 -12.08 -6.64 -16.86
C PRO A 75 -11.23 -7.84 -17.27
N ALA A 76 -11.86 -8.99 -17.46
CA ALA A 76 -11.17 -10.23 -17.85
C ALA A 76 -10.68 -10.19 -19.30
N VAL A 77 -11.47 -9.57 -20.18
CA VAL A 77 -11.03 -9.38 -21.55
C VAL A 77 -9.86 -8.40 -21.62
N ARG A 78 -9.87 -7.36 -20.78
CA ARG A 78 -8.77 -6.39 -20.76
C ARG A 78 -7.47 -7.05 -20.29
N LEU A 79 -7.59 -7.97 -19.33
CA LEU A 79 -6.43 -8.68 -18.80
C LEU A 79 -5.83 -9.55 -19.90
N ALA A 80 -6.71 -10.16 -20.69
CA ALA A 80 -6.28 -11.08 -21.74
C ALA A 80 -5.65 -10.34 -22.92
N THR A 81 -6.07 -9.09 -23.11
CA THR A 81 -5.53 -8.24 -24.17
C THR A 81 -4.15 -7.73 -23.78
N ALA A 82 -3.81 -7.81 -22.50
CA ALA A 82 -2.60 -7.21 -21.95
C ALA A 82 -1.51 -8.27 -21.68
N ARG A 83 -1.91 -9.41 -21.13
CA ARG A 83 -1.01 -10.51 -20.82
C ARG A 83 -1.49 -11.80 -21.46
N ASP A 84 -0.55 -12.70 -21.70
CA ASP A 84 -0.84 -13.98 -22.36
C ASP A 84 -1.09 -15.06 -21.31
N VAL A 85 -2.32 -15.05 -20.78
CA VAL A 85 -2.70 -15.98 -19.71
C VAL A 85 -4.05 -16.63 -20.00
N ARG A 86 -4.40 -17.64 -19.22
CA ARG A 86 -5.74 -18.24 -19.27
C ARG A 86 -6.57 -17.64 -18.15
N VAL A 87 -7.69 -17.02 -18.50
CA VAL A 87 -8.63 -16.52 -17.51
C VAL A 87 -9.81 -17.49 -17.46
N THR A 88 -10.27 -17.85 -16.25
CA THR A 88 -11.62 -18.38 -16.07
C THR A 88 -12.39 -17.47 -15.09
N GLY A 89 -13.63 -17.10 -15.46
CA GLY A 89 -14.42 -16.15 -14.69
C GLY A 89 -15.62 -16.83 -14.06
N ILE A 90 -16.07 -16.29 -12.94
CA ILE A 90 -17.05 -16.95 -12.07
C ILE A 90 -18.11 -15.96 -11.58
N SER A 91 -19.38 -16.38 -11.61
CA SER A 91 -20.51 -15.57 -11.14
C SER A 91 -21.77 -16.38 -10.77
N ILE A 92 -22.64 -15.76 -9.99
CA ILE A 92 -23.90 -16.38 -9.57
C ILE A 92 -25.13 -15.85 -10.33
N SER A 93 -24.88 -15.17 -11.45
CA SER A 93 -25.95 -14.66 -12.30
C SER A 93 -25.81 -15.23 -13.73
N ARG A 94 -26.76 -16.08 -14.10
CA ARG A 94 -26.70 -16.80 -15.39
C ARG A 94 -26.63 -15.95 -16.67
N PRO A 95 -27.55 -14.97 -16.85
CA PRO A 95 -27.40 -13.99 -17.94
C PRO A 95 -25.98 -13.44 -18.11
N GLN A 96 -25.37 -12.99 -17.01
CA GLN A 96 -24.00 -12.43 -17.03
C GLN A 96 -22.92 -13.39 -17.56
N VAL A 97 -23.01 -14.67 -17.19
CA VAL A 97 -22.12 -15.71 -17.70
C VAL A 97 -22.25 -15.84 -19.24
N ASN A 98 -23.48 -15.92 -19.73
CA ASN A 98 -23.75 -15.92 -21.16
C ASN A 98 -23.27 -14.67 -21.91
N GLN A 99 -23.49 -13.48 -21.33
CA GLN A 99 -22.96 -12.26 -21.93
C GLN A 99 -21.42 -12.27 -21.97
N ALA A 100 -20.80 -12.62 -20.84
CA ALA A 100 -19.35 -12.68 -20.76
C ALA A 100 -18.75 -13.64 -21.80
N ASN A 101 -19.37 -14.81 -21.97
CA ASN A 101 -18.89 -15.76 -22.95
C ASN A 101 -19.04 -15.26 -24.40
N ALA A 102 -20.14 -14.56 -24.68
CA ALA A 102 -20.38 -13.99 -26.00
C ALA A 102 -19.35 -12.90 -26.30
N ARG A 103 -19.08 -12.06 -25.29
CA ARG A 103 -18.08 -11.00 -25.38
C ARG A 103 -16.67 -11.58 -25.63
N ALA A 104 -16.39 -12.71 -24.99
CA ALA A 104 -15.13 -13.43 -25.19
C ALA A 104 -15.05 -13.98 -26.61
N THR A 105 -16.10 -14.67 -27.05
CA THR A 105 -16.14 -15.27 -28.37
C THR A 105 -16.08 -14.15 -29.43
N ALA A 106 -16.62 -12.98 -29.07
CA ALA A 106 -16.70 -11.83 -29.98
C ALA A 106 -15.34 -11.14 -30.21
N ALA A 107 -14.47 -11.21 -29.21
CA ALA A 107 -13.13 -10.66 -29.34
C ALA A 107 -12.14 -11.76 -29.76
N GLY A 108 -12.68 -12.92 -30.12
CA GLY A 108 -11.88 -14.05 -30.61
C GLY A 108 -11.02 -14.75 -29.59
N LEU A 109 -11.25 -14.48 -28.31
CA LEU A 109 -10.42 -15.03 -27.23
C LEU A 109 -11.01 -16.30 -26.58
N ALA A 110 -11.80 -17.05 -27.34
CA ALA A 110 -12.53 -18.20 -26.80
C ALA A 110 -11.61 -19.36 -26.47
N ASN A 111 -10.47 -19.44 -27.16
CA ASN A 111 -9.45 -20.45 -26.89
C ASN A 111 -8.97 -20.41 -25.45
N ARG A 112 -8.83 -19.21 -24.89
CA ARG A 112 -8.31 -19.08 -23.54
C ARG A 112 -9.20 -18.42 -22.49
N VAL A 113 -10.07 -17.50 -22.88
CA VAL A 113 -10.95 -16.82 -21.90
C VAL A 113 -12.33 -17.49 -21.88
N THR A 114 -12.76 -17.90 -20.69
CA THR A 114 -13.98 -18.72 -20.53
C THR A 114 -14.67 -18.49 -19.17
N PHE A 115 -15.99 -18.65 -19.13
CA PHE A 115 -16.78 -18.26 -17.96
C PHE A 115 -17.78 -19.34 -17.60
N SER A 116 -18.01 -19.52 -16.30
CA SER A 116 -19.00 -20.49 -15.82
C SER A 116 -19.71 -20.01 -14.55
N TYR A 117 -20.73 -20.75 -14.15
CA TYR A 117 -21.61 -20.33 -13.07
C TYR A 117 -21.24 -21.03 -11.79
N ALA A 118 -20.68 -20.29 -10.83
CA ALA A 118 -20.29 -20.89 -9.55
C ALA A 118 -20.20 -19.88 -8.40
N ASP A 119 -20.38 -20.39 -7.18
CA ASP A 119 -20.40 -19.59 -5.96
C ASP A 119 -19.07 -19.64 -5.21
N ALA A 120 -18.52 -18.46 -4.92
CA ALA A 120 -17.27 -18.32 -4.20
C ALA A 120 -17.29 -18.78 -2.75
N MSE A 121 -18.46 -19.06 -2.19
CA MSE A 121 -18.50 -19.64 -0.84
C MSE A 121 -18.20 -21.18 -0.86
O MSE A 121 -18.08 -21.81 0.19
CB MSE A 121 -19.85 -19.34 -0.15
CG MSE A 121 -20.26 -17.89 -0.09
SE MSE A 121 -19.42 -16.84 1.30
CE MSE A 121 -20.47 -17.20 2.70
N ASP A 122 -18.08 -21.74 -2.07
CA ASP A 122 -17.83 -23.17 -2.27
C ASP A 122 -17.39 -23.37 -3.74
N LEU A 123 -16.11 -23.13 -4.02
CA LEU A 123 -15.58 -23.20 -5.40
C LEU A 123 -15.32 -24.63 -5.83
N PRO A 124 -15.71 -24.99 -7.07
CA PRO A 124 -15.60 -26.37 -7.53
C PRO A 124 -14.26 -26.74 -8.21
N PHE A 125 -13.18 -26.05 -7.84
CA PHE A 125 -11.90 -26.32 -8.49
C PHE A 125 -10.91 -27.18 -7.69
N GLU A 126 -10.03 -27.87 -8.41
CA GLU A 126 -8.89 -28.56 -7.83
C GLU A 126 -8.07 -27.61 -6.94
N ASP A 127 -7.44 -28.18 -5.90
CA ASP A 127 -6.51 -27.45 -5.05
C ASP A 127 -5.29 -27.09 -5.87
N ALA A 128 -4.77 -25.87 -5.64
CA ALA A 128 -3.60 -25.37 -6.33
C ALA A 128 -3.76 -25.46 -7.86
N SER A 129 -4.81 -24.86 -8.39
CA SER A 129 -5.03 -24.83 -9.83
C SER A 129 -4.45 -23.58 -10.51
N PHE A 130 -4.62 -22.43 -9.87
CA PHE A 130 -4.28 -21.17 -10.49
C PHE A 130 -2.95 -20.57 -10.04
N ASP A 131 -2.29 -19.87 -10.96
CA ASP A 131 -1.08 -19.14 -10.64
C ASP A 131 -1.48 -17.81 -9.99
N ALA A 132 -2.68 -17.32 -10.30
CA ALA A 132 -3.17 -16.08 -9.70
C ALA A 132 -4.69 -16.01 -9.58
N VAL A 133 -5.16 -15.15 -8.68
CA VAL A 133 -6.58 -14.93 -8.47
C VAL A 133 -6.86 -13.46 -8.25
N TRP A 134 -7.98 -12.95 -8.77
CA TRP A 134 -8.43 -11.61 -8.42
C TRP A 134 -9.93 -11.38 -8.18
N ALA A 135 -10.22 -10.35 -7.38
CA ALA A 135 -11.59 -9.97 -7.04
C ALA A 135 -11.82 -8.48 -7.19
N LEU A 136 -12.38 -8.07 -8.31
CA LEU A 136 -12.63 -6.66 -8.54
C LEU A 136 -14.09 -6.27 -8.19
N GLU A 137 -14.25 -5.62 -7.05
CA GLU A 137 -15.55 -5.14 -6.55
C GLU A 137 -16.59 -6.26 -6.36
N SER A 138 -16.17 -7.42 -5.82
CA SER A 138 -17.10 -8.53 -5.69
C SER A 138 -17.30 -9.07 -4.26
N LEU A 139 -16.31 -8.87 -3.39
CA LEU A 139 -16.36 -9.47 -2.06
C LEU A 139 -17.42 -8.87 -1.12
N HIS A 140 -17.79 -7.62 -1.35
CA HIS A 140 -18.80 -6.94 -0.53
C HIS A 140 -20.19 -7.54 -0.69
N HIS A 141 -20.33 -8.42 -1.68
CA HIS A 141 -21.55 -9.18 -1.87
C HIS A 141 -21.60 -10.38 -0.96
N MSE A 142 -20.49 -11.11 -0.84
CA MSE A 142 -20.42 -12.33 -0.02
C MSE A 142 -21.01 -12.07 1.37
O MSE A 142 -20.70 -11.07 2.00
CB MSE A 142 -18.96 -12.78 0.16
CG MSE A 142 -18.10 -12.70 -1.10
SE MSE A 142 -18.74 -13.97 -2.34
CE MSE A 142 -17.99 -13.22 -3.97
N PRO A 143 -21.87 -12.98 1.85
CA PRO A 143 -22.33 -12.79 3.24
C PRO A 143 -21.23 -12.99 4.31
N ASP A 144 -20.03 -13.42 3.89
CA ASP A 144 -18.89 -13.68 4.81
C ASP A 144 -17.56 -13.70 4.04
N ARG A 145 -16.87 -12.57 4.05
CA ARG A 145 -15.58 -12.41 3.35
C ARG A 145 -14.57 -13.52 3.64
N GLY A 146 -14.42 -13.88 4.91
CA GLY A 146 -13.49 -14.94 5.34
C GLY A 146 -13.59 -16.24 4.56
N ARG A 147 -14.79 -16.81 4.49
CA ARG A 147 -15.06 -17.98 3.65
C ARG A 147 -14.45 -17.84 2.25
N ALA A 148 -14.89 -16.82 1.54
CA ALA A 148 -14.46 -16.56 0.18
C ALA A 148 -12.94 -16.51 0.02
N LEU A 149 -12.28 -15.62 0.77
CA LEU A 149 -10.83 -15.59 0.82
C LEU A 149 -10.17 -16.94 1.16
N ARG A 150 -10.78 -17.74 2.03
CA ARG A 150 -10.23 -19.09 2.33
C ARG A 150 -10.29 -20.02 1.14
N GLU A 151 -11.41 -19.95 0.40
CA GLU A 151 -11.60 -20.71 -0.82
C GLU A 151 -10.61 -20.27 -1.88
N MSE A 152 -10.42 -18.96 -1.97
CA MSE A 152 -9.43 -18.38 -2.87
C MSE A 152 -7.97 -18.83 -2.55
O MSE A 152 -7.20 -19.12 -3.46
CB MSE A 152 -9.57 -16.84 -2.92
CG MSE A 152 -10.92 -16.35 -3.52
SE MSE A 152 -11.24 -14.42 -3.25
CE MSE A 152 -9.74 -13.70 -4.09
N ALA A 153 -7.60 -18.94 -1.28
CA ALA A 153 -6.23 -19.38 -0.93
C ALA A 153 -6.05 -20.86 -1.25
N ARG A 154 -7.13 -21.60 -1.06
CA ARG A 154 -7.17 -23.05 -1.14
C ARG A 154 -6.89 -23.56 -2.57
N VAL A 155 -6.93 -22.65 -3.55
CA VAL A 155 -6.93 -23.01 -4.97
C VAL A 155 -5.80 -22.33 -5.75
N LEU A 156 -5.18 -21.35 -5.10
CA LEU A 156 -3.92 -20.78 -5.52
C LEU A 156 -2.78 -21.76 -5.20
N ARG A 157 -1.76 -21.80 -6.06
CA ARG A 157 -0.60 -22.63 -5.80
C ARG A 157 0.41 -21.82 -4.98
N PRO A 158 1.23 -22.49 -4.13
CA PRO A 158 2.23 -21.73 -3.38
C PRO A 158 3.08 -20.91 -4.34
N GLY A 159 3.43 -19.68 -3.94
CA GLY A 159 4.05 -18.75 -4.87
C GLY A 159 3.04 -17.83 -5.56
N GLY A 160 1.78 -18.25 -5.60
CA GLY A 160 0.69 -17.51 -6.28
C GLY A 160 0.31 -16.19 -5.64
N THR A 161 -0.29 -15.28 -6.42
CA THR A 161 -0.60 -13.90 -5.98
C THR A 161 -2.10 -13.59 -6.02
N VAL A 162 -2.50 -12.56 -5.27
CA VAL A 162 -3.89 -12.16 -5.18
C VAL A 162 -4.03 -10.63 -5.35
N ALA A 163 -5.14 -10.20 -5.94
CA ALA A 163 -5.47 -8.78 -6.04
C ALA A 163 -6.92 -8.51 -5.65
N ILE A 164 -7.10 -7.60 -4.70
CA ILE A 164 -8.45 -7.18 -4.31
C ILE A 164 -8.69 -5.69 -4.60
N ALA A 165 -9.89 -5.37 -5.09
CA ALA A 165 -10.34 -3.98 -5.21
C ALA A 165 -11.77 -3.90 -4.68
N ASP A 166 -12.01 -3.03 -3.72
CA ASP A 166 -13.36 -2.92 -3.16
C ASP A 166 -13.59 -1.62 -2.40
N PHE A 167 -14.87 -1.29 -2.12
CA PHE A 167 -15.11 -0.11 -1.28
C PHE A 167 -15.29 -0.41 0.20
N VAL A 168 -14.86 0.54 1.02
CA VAL A 168 -14.69 0.35 2.47
C VAL A 168 -15.28 1.49 3.28
N LEU A 169 -15.46 1.26 4.58
CA LEU A 169 -15.91 2.30 5.49
C LEU A 169 -14.76 2.63 6.44
N LEU A 170 -14.05 3.72 6.16
CA LEU A 170 -12.91 4.16 6.96
C LEU A 170 -13.21 4.50 8.42
N ALA A 171 -14.45 4.88 8.72
CA ALA A 171 -14.87 5.17 10.11
C ALA A 171 -16.37 4.95 10.33
N PRO A 172 -16.78 4.62 11.58
CA PRO A 172 -18.23 4.52 11.89
C PRO A 172 -18.98 5.85 11.65
N VAL A 173 -20.27 5.75 11.32
CA VAL A 173 -21.07 6.93 10.94
C VAL A 173 -22.39 7.06 11.70
N GLU A 174 -23.04 8.22 11.59
CA GLU A 174 -24.31 8.49 12.27
C GLU A 174 -25.24 9.42 11.47
N GLY A 175 -26.46 9.60 11.98
CA GLY A 175 -27.42 10.55 11.42
C GLY A 175 -27.68 10.40 9.93
N ALA A 176 -27.55 11.51 9.19
CA ALA A 176 -27.72 11.51 7.73
C ALA A 176 -26.54 10.86 6.98
N LYS A 177 -25.38 10.78 7.62
CA LYS A 177 -24.25 10.05 7.03
C LYS A 177 -24.50 8.55 6.99
N LYS A 178 -25.00 8.01 8.10
CA LYS A 178 -25.44 6.63 8.17
C LYS A 178 -26.62 6.38 7.24
N GLU A 179 -27.47 7.39 7.07
CA GLU A 179 -28.69 7.25 6.26
C GLU A 179 -28.33 7.12 4.77
N ALA A 180 -27.30 7.83 4.35
CA ALA A 180 -26.88 7.84 2.96
C ALA A 180 -26.09 6.59 2.61
N VAL A 181 -25.39 6.05 3.60
CA VAL A 181 -24.64 4.80 3.46
C VAL A 181 -25.57 3.57 3.38
N ASP A 182 -26.52 3.47 4.30
CA ASP A 182 -27.52 2.40 4.26
C ASP A 182 -28.25 2.30 2.92
N ALA A 183 -28.82 3.41 2.46
CA ALA A 183 -29.43 3.53 1.11
C ALA A 183 -28.60 2.86 0.00
N PHE A 184 -27.30 3.16 -0.01
CA PHE A 184 -26.38 2.62 -1.02
C PHE A 184 -26.27 1.10 -0.96
N ARG A 185 -26.24 0.56 0.26
CA ARG A 185 -26.07 -0.86 0.49
C ARG A 185 -27.30 -1.64 0.06
N ALA A 186 -28.47 -1.06 0.34
CA ALA A 186 -29.74 -1.63 -0.08
C ALA A 186 -29.74 -1.88 -1.58
N GLY A 187 -29.53 -0.82 -2.35
CA GLY A 187 -29.66 -0.92 -3.81
C GLY A 187 -28.53 -1.61 -4.53
N GLY A 188 -27.36 -1.68 -3.88
CA GLY A 188 -26.21 -2.40 -4.43
C GLY A 188 -25.98 -3.80 -3.84
N GLY A 189 -26.83 -4.23 -2.90
CA GLY A 189 -26.68 -5.53 -2.27
C GLY A 189 -25.34 -5.71 -1.59
N VAL A 190 -24.94 -4.73 -0.78
CA VAL A 190 -23.67 -4.75 -0.10
C VAL A 190 -23.81 -5.43 1.25
N LEU A 191 -23.71 -6.76 1.23
CA LEU A 191 -24.02 -7.57 2.41
C LEU A 191 -22.96 -7.41 3.51
N SER A 192 -21.70 -7.18 3.14
CA SER A 192 -20.66 -6.93 4.15
C SER A 192 -19.64 -5.83 3.77
N LEU A 193 -19.77 -4.67 4.41
CA LEU A 193 -18.92 -3.53 4.23
C LEU A 193 -18.05 -3.38 5.48
N GLY A 194 -16.75 -3.15 5.29
CA GLY A 194 -15.82 -3.11 6.43
C GLY A 194 -14.65 -2.19 6.26
N GLY A 195 -13.91 -1.96 7.33
CA GLY A 195 -12.68 -1.14 7.29
C GLY A 195 -11.53 -1.85 6.63
N ILE A 196 -10.45 -1.11 6.34
CA ILE A 196 -9.24 -1.70 5.72
C ILE A 196 -8.62 -2.71 6.67
N ASP A 197 -8.51 -2.33 7.94
CA ASP A 197 -7.95 -3.20 8.96
C ASP A 197 -8.66 -4.56 9.00
N GLU A 198 -9.98 -4.52 8.88
CA GLU A 198 -10.79 -5.74 8.76
C GLU A 198 -10.45 -6.58 7.51
N TYR A 199 -10.37 -5.93 6.34
CA TYR A 199 -9.97 -6.63 5.09
C TYR A 199 -8.61 -7.32 5.24
N GLU A 200 -7.66 -6.63 5.85
CA GLU A 200 -6.34 -7.16 6.07
C GLU A 200 -6.34 -8.47 6.87
N SER A 201 -6.98 -8.48 8.05
CA SER A 201 -6.97 -9.67 8.89
C SER A 201 -7.82 -10.81 8.33
N ASP A 202 -8.77 -10.47 7.45
CA ASP A 202 -9.51 -11.45 6.66
C ASP A 202 -8.56 -12.18 5.71
N VAL A 203 -7.77 -11.40 4.97
CA VAL A 203 -6.67 -11.94 4.14
C VAL A 203 -5.66 -12.76 4.96
N ARG A 204 -5.24 -12.23 6.12
CA ARG A 204 -4.27 -12.95 6.96
C ARG A 204 -4.82 -14.25 7.54
N GLN A 205 -6.13 -14.31 7.78
CA GLN A 205 -6.73 -15.53 8.27
C GLN A 205 -6.66 -16.66 7.25
N ALA A 206 -6.67 -16.34 5.97
CA ALA A 206 -6.64 -17.38 4.93
C ALA A 206 -5.21 -17.91 4.72
N GLU A 207 -4.31 -17.45 5.59
CA GLU A 207 -2.87 -17.73 5.51
C GLU A 207 -2.24 -17.20 4.21
N LEU A 208 -2.65 -15.99 3.82
CA LEU A 208 -1.97 -15.27 2.77
C LEU A 208 -1.18 -14.14 3.39
N VAL A 209 -0.05 -13.82 2.79
CA VAL A 209 0.78 -12.71 3.22
C VAL A 209 0.35 -11.51 2.43
N VAL A 210 0.24 -10.37 3.12
CA VAL A 210 -0.22 -9.13 2.52
C VAL A 210 1.00 -8.34 2.05
N THR A 211 1.07 -8.07 0.75
CA THR A 211 2.22 -7.37 0.15
C THR A 211 2.05 -5.84 -0.03
N SER A 212 0.82 -5.37 -0.26
CA SER A 212 0.49 -3.92 -0.28
C SER A 212 -0.99 -3.64 -0.04
N THR A 213 -1.27 -2.49 0.58
CA THR A 213 -2.63 -2.01 0.76
C THR A 213 -2.58 -0.51 0.54
N VAL A 214 -3.37 0.00 -0.41
CA VAL A 214 -3.34 1.42 -0.78
C VAL A 214 -4.73 2.02 -0.81
N ASP A 215 -4.93 3.07 -0.02
CA ASP A 215 -6.19 3.78 0.05
C ASP A 215 -6.30 4.72 -1.14
N ILE A 216 -7.16 4.39 -2.10
CA ILE A 216 -7.36 5.23 -3.26
C ILE A 216 -8.71 5.99 -3.27
N SER A 217 -9.16 6.38 -2.08
CA SER A 217 -10.43 7.03 -1.94
C SER A 217 -10.46 8.25 -2.81
N ALA A 218 -9.45 9.12 -2.63
CA ALA A 218 -9.38 10.40 -3.33
C ALA A 218 -9.47 10.25 -4.86
N GLN A 219 -8.95 9.14 -5.38
CA GLN A 219 -8.99 8.83 -6.81
C GLN A 219 -10.29 8.13 -7.27
N ALA A 220 -10.93 7.40 -6.37
CA ALA A 220 -12.12 6.63 -6.69
C ALA A 220 -13.43 7.43 -6.55
N ARG A 221 -13.41 8.41 -5.66
CA ARG A 221 -14.61 9.15 -5.27
C ARG A 221 -15.38 9.75 -6.47
N PRO A 222 -14.69 10.49 -7.38
CA PRO A 222 -15.38 11.17 -8.49
C PRO A 222 -16.35 10.29 -9.28
N SER A 223 -16.16 8.97 -9.19
CA SER A 223 -16.97 8.01 -9.95
C SER A 223 -18.44 8.17 -9.64
N LEU A 224 -18.73 8.60 -8.42
CA LEU A 224 -20.10 8.64 -7.94
C LEU A 224 -20.94 9.73 -8.62
N VAL A 225 -20.51 10.99 -8.53
CA VAL A 225 -21.20 12.07 -9.22
C VAL A 225 -21.12 11.86 -10.75
N LYS A 226 -19.99 11.39 -11.22
CA LYS A 226 -19.73 11.30 -12.66
C LYS A 226 -20.64 10.26 -13.31
N THR A 227 -21.00 9.21 -12.58
CA THR A 227 -21.87 8.21 -13.17
C THR A 227 -23.34 8.58 -12.97
N ALA A 228 -23.64 9.32 -11.90
CA ALA A 228 -24.97 9.91 -11.76
C ALA A 228 -25.25 10.76 -13.00
N GLU A 229 -24.26 11.53 -13.45
CA GLU A 229 -24.38 12.33 -14.66
C GLU A 229 -24.64 11.51 -15.94
N ALA A 230 -23.88 10.43 -16.10
CA ALA A 230 -23.99 9.55 -17.27
C ALA A 230 -25.41 9.01 -17.50
N PHE A 231 -26.02 8.54 -16.42
CA PHE A 231 -27.36 7.98 -16.44
C PHE A 231 -28.38 9.05 -16.79
N GLU A 232 -28.15 10.25 -16.27
CA GLU A 232 -29.02 11.39 -16.56
C GLU A 232 -29.07 11.62 -18.05
N ASN A 233 -27.90 11.66 -18.68
CA ASN A 233 -27.79 11.83 -20.13
C ASN A 233 -28.50 10.73 -20.88
N ALA A 234 -28.73 9.61 -20.21
CA ALA A 234 -29.29 8.45 -20.86
C ALA A 234 -30.67 8.16 -20.31
N ARG A 235 -31.22 9.13 -19.59
CA ARG A 235 -32.50 8.95 -18.90
C ARG A 235 -33.60 8.34 -19.77
N SER A 236 -33.74 8.80 -21.00
CA SER A 236 -34.84 8.29 -21.82
C SER A 236 -34.56 6.90 -22.41
N GLN A 237 -33.31 6.47 -22.40
CA GLN A 237 -33.00 5.12 -22.90
C GLN A 237 -32.85 4.05 -21.81
N VAL A 238 -32.49 4.45 -20.60
CA VAL A 238 -32.51 3.50 -19.49
C VAL A 238 -33.85 3.46 -18.73
N GLU A 239 -34.55 4.60 -18.67
CA GLU A 239 -35.83 4.71 -17.95
C GLU A 239 -36.80 3.55 -18.19
N PRO A 240 -36.94 3.07 -19.44
CA PRO A 240 -37.90 1.99 -19.63
C PRO A 240 -37.48 0.64 -19.04
N PHE A 241 -36.20 0.48 -18.74
CA PHE A 241 -35.70 -0.76 -18.14
C PHE A 241 -35.86 -0.77 -16.63
N MSE A 242 -35.69 0.40 -16.01
CA MSE A 242 -35.66 0.52 -14.55
C MSE A 242 -36.94 1.10 -13.97
O MSE A 242 -37.25 0.89 -12.79
CB MSE A 242 -34.49 1.41 -14.13
CG MSE A 242 -33.09 0.86 -14.39
SE MSE A 242 -31.71 2.00 -13.61
CE MSE A 242 -32.19 1.75 -11.79
N GLY A 243 -37.71 1.82 -14.80
CA GLY A 243 -38.80 2.67 -14.30
C GLY A 243 -38.24 4.02 -13.84
N ALA A 244 -39.09 5.04 -13.85
CA ALA A 244 -38.66 6.40 -13.48
C ALA A 244 -38.14 6.50 -12.04
N GLU A 245 -38.93 6.03 -11.07
CA GLU A 245 -38.60 6.24 -9.65
C GLU A 245 -37.38 5.45 -9.19
N GLY A 246 -37.21 4.23 -9.71
CA GLY A 246 -36.01 3.42 -9.48
C GLY A 246 -34.74 4.13 -9.95
N LEU A 247 -34.80 4.67 -11.18
CA LEU A 247 -33.71 5.44 -11.78
C LEU A 247 -33.38 6.66 -10.93
N ASP A 248 -34.41 7.29 -10.38
CA ASP A 248 -34.22 8.48 -9.56
C ASP A 248 -33.56 8.18 -8.22
N ARG A 249 -33.94 7.07 -7.60
CA ARG A 249 -33.39 6.72 -6.30
C ARG A 249 -31.92 6.36 -6.40
N MSE A 250 -31.54 5.74 -7.52
CA MSE A 250 -30.17 5.35 -7.78
C MSE A 250 -29.26 6.57 -8.01
O MSE A 250 -28.13 6.61 -7.50
CB MSE A 250 -30.12 4.38 -8.97
CG MSE A 250 -28.71 3.94 -9.35
SE MSE A 250 -28.71 2.87 -10.93
CE MSE A 250 -27.07 3.14 -11.45
N ILE A 251 -29.74 7.54 -8.77
CA ILE A 251 -29.01 8.80 -8.97
C ILE A 251 -28.86 9.57 -7.66
N ALA A 252 -29.93 9.61 -6.87
CA ALA A 252 -29.91 10.35 -5.61
C ALA A 252 -28.97 9.69 -4.61
N THR A 253 -28.98 8.36 -4.58
CA THR A 253 -28.20 7.64 -3.58
C THR A 253 -26.68 7.80 -3.78
N PHE A 254 -26.25 7.88 -5.04
CA PHE A 254 -24.84 8.11 -5.35
C PHE A 254 -24.43 9.51 -4.93
N ARG A 255 -25.27 10.49 -5.21
CA ARG A 255 -24.95 11.88 -4.89
C ARG A 255 -24.83 12.10 -3.39
N GLY A 256 -25.63 11.37 -2.61
CA GLY A 256 -25.51 11.38 -1.16
C GLY A 256 -24.21 10.73 -0.69
N LEU A 257 -23.85 9.60 -1.30
CA LEU A 257 -22.67 8.86 -0.86
C LEU A 257 -21.40 9.65 -1.13
N ALA A 258 -21.33 10.26 -2.31
CA ALA A 258 -20.23 11.16 -2.67
C ALA A 258 -19.90 12.15 -1.54
N GLU A 259 -20.91 12.68 -0.88
CA GLU A 259 -20.69 13.64 0.20
C GLU A 259 -20.45 13.06 1.62
N VAL A 260 -20.32 11.74 1.74
CA VAL A 260 -19.82 11.16 2.99
C VAL A 260 -18.35 10.69 2.88
N PRO A 261 -17.41 11.46 3.46
CA PRO A 261 -15.99 11.18 3.25
C PRO A 261 -15.47 9.95 4.01
N GLU A 262 -16.33 9.34 4.83
CA GLU A 262 -16.01 8.05 5.47
C GLU A 262 -16.21 6.90 4.49
N ALA A 263 -16.60 7.23 3.26
CA ALA A 263 -16.85 6.25 2.20
C ALA A 263 -15.61 6.11 1.31
N GLY A 264 -14.95 4.96 1.40
CA GLY A 264 -13.62 4.85 0.83
C GLY A 264 -13.47 3.66 -0.09
N TYR A 265 -12.26 3.50 -0.62
CA TYR A 265 -11.92 2.48 -1.60
C TYR A 265 -10.44 2.10 -1.43
N VAL A 266 -10.15 0.81 -1.58
CA VAL A 266 -8.82 0.29 -1.31
C VAL A 266 -8.36 -0.73 -2.33
N LEU A 267 -7.06 -0.72 -2.62
CA LEU A 267 -6.42 -1.77 -3.40
C LEU A 267 -5.48 -2.60 -2.52
N ILE A 268 -5.58 -3.93 -2.60
CA ILE A 268 -4.74 -4.82 -1.79
C ILE A 268 -4.10 -5.95 -2.60
N GLY A 269 -2.77 -6.04 -2.53
CA GLY A 269 -2.02 -7.16 -3.11
C GLY A 269 -1.64 -8.15 -2.02
N ALA A 270 -1.61 -9.44 -2.36
CA ALA A 270 -1.27 -10.47 -1.38
C ALA A 270 -0.68 -11.68 -2.06
N ARG A 271 -0.04 -12.56 -1.29
CA ARG A 271 0.77 -13.63 -1.84
C ARG A 271 0.62 -14.91 -1.02
N LYS A 272 0.81 -16.07 -1.64
CA LYS A 272 0.68 -17.34 -0.93
C LYS A 272 2.05 -18.01 -0.69
N PRO A 273 2.44 -18.16 0.60
CA PRO A 273 3.76 -18.66 0.98
C PRO A 273 4.21 -19.85 0.15
N GLU B 26 25.50 -1.45 12.44
CA GLU B 26 25.63 -0.03 12.87
C GLU B 26 25.12 0.95 11.81
N ASN B 27 26.05 1.51 11.02
CA ASN B 27 25.71 2.36 9.85
C ASN B 27 25.63 1.55 8.55
N LEU B 28 24.49 0.90 8.39
CA LEU B 28 24.06 0.30 7.15
C LEU B 28 22.82 1.04 6.74
N HIS B 29 22.79 1.50 5.49
CA HIS B 29 21.60 2.11 4.92
C HIS B 29 21.14 1.23 3.80
N PHE B 30 19.89 0.79 3.87
CA PHE B 30 19.34 0.00 2.80
C PHE B 30 19.11 0.88 1.58
N GLY B 31 19.03 0.25 0.42
CA GLY B 31 18.68 0.93 -0.82
C GLY B 31 17.55 0.22 -1.52
N TYR B 32 17.20 0.73 -2.71
CA TYR B 32 16.16 0.11 -3.54
C TYR B 32 16.75 -0.56 -4.77
N TRP B 33 16.81 -1.89 -4.73
CA TRP B 33 17.38 -2.69 -5.81
C TRP B 33 16.27 -3.25 -6.71
N GLU B 34 16.41 -2.98 -8.00
CA GLU B 34 15.37 -3.28 -8.98
C GLU B 34 14.98 -4.75 -9.04
N SER B 41 25.47 0.63 -7.89
CA SER B 41 26.29 0.80 -6.69
C SER B 41 25.45 1.11 -5.46
N VAL B 42 25.97 0.75 -4.29
CA VAL B 42 25.24 0.89 -3.02
C VAL B 42 24.71 2.31 -2.82
N ASP B 43 25.47 3.30 -3.31
CA ASP B 43 25.05 4.70 -3.24
C ASP B 43 23.80 4.95 -4.06
N ASP B 44 23.80 4.53 -5.33
CA ASP B 44 22.66 4.68 -6.25
C ASP B 44 21.31 4.24 -5.66
N ALA B 45 21.31 3.06 -5.01
CA ALA B 45 20.09 2.45 -4.49
C ALA B 45 19.50 3.25 -3.33
N THR B 46 20.36 3.63 -2.39
CA THR B 46 19.94 4.45 -1.26
C THR B 46 19.32 5.75 -1.77
N ASP B 47 19.96 6.33 -2.79
CA ASP B 47 19.44 7.51 -3.48
C ASP B 47 18.08 7.26 -4.13
N ARG B 48 17.78 6.00 -4.48
CA ARG B 48 16.49 5.66 -5.09
C ARG B 48 15.44 5.38 -4.04
N LEU B 49 15.86 4.86 -2.89
CA LEU B 49 14.95 4.66 -1.77
C LEU B 49 14.42 6.00 -1.32
N THR B 50 15.29 7.00 -1.28
CA THR B 50 14.91 8.33 -0.86
C THR B 50 13.88 8.88 -1.84
N ASP B 51 14.15 8.67 -3.14
CA ASP B 51 13.22 9.06 -4.22
C ASP B 51 11.83 8.49 -4.00
N GLU B 52 11.77 7.28 -3.44
CA GLU B 52 10.50 6.64 -3.10
C GLU B 52 9.80 7.36 -1.95
N MSE B 53 10.54 7.58 -0.87
CA MSE B 53 10.04 8.29 0.31
C MSE B 53 9.69 9.78 0.07
O MSE B 53 8.77 10.30 0.72
CB MSE B 53 11.03 8.16 1.47
CG MSE B 53 11.13 6.74 2.06
SE MSE B 53 9.74 6.41 3.41
CE MSE B 53 10.38 7.73 4.69
N ILE B 54 10.39 10.46 -0.86
CA ILE B 54 9.96 11.82 -1.19
C ILE B 54 8.53 11.80 -1.76
N ALA B 55 8.30 10.88 -2.72
CA ALA B 55 7.01 10.72 -3.37
C ALA B 55 5.91 10.39 -2.36
N LEU B 56 6.23 9.54 -1.38
CA LEU B 56 5.28 9.10 -0.35
C LEU B 56 4.80 10.27 0.52
N LEU B 57 5.68 11.26 0.68
CA LEU B 57 5.35 12.51 1.36
C LEU B 57 4.68 13.50 0.43
N ASP B 58 3.38 13.67 0.62
CA ASP B 58 2.62 14.60 -0.23
C ASP B 58 2.98 16.05 0.11
N VAL B 59 3.98 16.56 -0.60
CA VAL B 59 4.62 17.84 -0.25
C VAL B 59 4.84 18.75 -1.46
N ARG B 60 4.28 19.95 -1.38
CA ARG B 60 4.32 20.93 -2.49
C ARG B 60 5.33 22.06 -2.21
N SER B 61 5.31 23.09 -3.05
CA SER B 61 6.24 24.20 -2.90
C SER B 61 6.02 24.98 -1.59
N GLY B 62 7.13 25.32 -0.94
CA GLY B 62 7.10 26.15 0.28
C GLY B 62 6.64 25.41 1.52
N ASP B 63 6.74 24.08 1.50
CA ASP B 63 6.38 23.25 2.64
C ASP B 63 7.51 23.12 3.67
N ARG B 64 7.15 22.65 4.86
CA ARG B 64 8.06 22.55 5.98
C ARG B 64 8.14 21.10 6.48
N VAL B 65 9.30 20.47 6.34
CA VAL B 65 9.43 19.05 6.69
C VAL B 65 10.30 18.83 7.92
N LEU B 66 9.83 17.99 8.85
CA LEU B 66 10.62 17.53 9.99
C LEU B 66 11.20 16.12 9.71
N ASP B 67 12.45 15.91 10.10
CA ASP B 67 13.23 14.74 9.70
C ASP B 67 13.71 14.04 10.97
N VAL B 68 12.97 13.03 11.41
CA VAL B 68 13.34 12.34 12.65
C VAL B 68 14.44 11.30 12.43
N GLY B 69 15.61 11.57 13.01
CA GLY B 69 16.75 10.67 12.92
C GLY B 69 17.52 10.87 11.62
N CYS B 70 18.21 12.00 11.54
CA CYS B 70 18.73 12.51 10.26
C CYS B 70 20.08 11.95 9.75
N GLY B 71 20.76 11.12 10.56
CA GLY B 71 22.05 10.57 10.14
C GLY B 71 23.03 11.68 9.85
N ILE B 72 23.86 11.54 8.81
CA ILE B 72 24.72 12.65 8.41
C ILE B 72 24.09 13.58 7.36
N GLY B 73 22.80 13.34 7.07
CA GLY B 73 21.96 14.37 6.45
C GLY B 73 21.77 14.28 4.95
N LYS B 74 22.17 13.15 4.38
CA LYS B 74 22.14 12.96 2.93
C LYS B 74 20.73 12.91 2.36
N PRO B 75 19.81 12.18 3.03
CA PRO B 75 18.42 12.22 2.53
C PRO B 75 17.77 13.60 2.66
N ALA B 76 18.04 14.31 3.74
CA ALA B 76 17.48 15.64 3.91
C ALA B 76 17.97 16.58 2.81
N VAL B 77 19.22 16.38 2.38
CA VAL B 77 19.77 17.14 1.27
C VAL B 77 19.08 16.79 -0.06
N ARG B 78 18.90 15.50 -0.31
CA ARG B 78 18.28 15.04 -1.55
C ARG B 78 16.81 15.47 -1.64
N LEU B 79 16.21 15.79 -0.48
CA LEU B 79 14.84 16.30 -0.45
C LEU B 79 14.87 17.75 -0.92
N ALA B 80 15.79 18.52 -0.32
CA ALA B 80 15.86 19.96 -0.48
C ALA B 80 16.09 20.42 -1.92
N THR B 81 16.86 19.65 -2.67
CA THR B 81 17.14 19.97 -4.06
C THR B 81 15.97 19.56 -4.93
N ALA B 82 15.28 18.49 -4.52
CA ALA B 82 14.20 17.87 -5.32
C ALA B 82 12.83 18.55 -5.18
N ARG B 83 12.67 19.35 -4.12
CA ARG B 83 11.43 20.08 -3.84
C ARG B 83 11.82 21.38 -3.15
N ASP B 84 11.02 22.44 -3.34
CA ASP B 84 11.34 23.75 -2.76
C ASP B 84 10.76 23.92 -1.34
N VAL B 85 11.24 23.07 -0.43
CA VAL B 85 10.71 23.01 0.94
C VAL B 85 11.71 23.48 2.00
N ARG B 86 11.28 23.48 3.25
CA ARG B 86 12.11 23.89 4.39
C ARG B 86 12.26 22.73 5.40
N VAL B 87 13.39 22.04 5.32
CA VAL B 87 13.68 20.84 6.12
C VAL B 87 14.42 21.13 7.44
N THR B 88 13.90 20.63 8.55
CA THR B 88 14.66 20.64 9.78
C THR B 88 14.78 19.21 10.33
N GLY B 89 15.90 18.90 10.98
CA GLY B 89 16.22 17.50 11.31
C GLY B 89 16.84 17.31 12.67
N ILE B 90 16.51 16.20 13.31
CA ILE B 90 16.97 15.93 14.67
C ILE B 90 17.66 14.58 14.83
N SER B 91 18.55 14.51 15.81
CA SER B 91 19.38 13.36 16.07
C SER B 91 19.80 13.35 17.55
N ILE B 92 20.18 12.18 18.00
CA ILE B 92 20.57 11.96 19.36
C ILE B 92 22.08 12.18 19.43
N SER B 93 22.74 12.30 18.29
CA SER B 93 24.21 12.37 18.23
C SER B 93 24.74 13.70 17.78
N ARG B 94 25.50 14.34 18.66
CA ARG B 94 26.05 15.66 18.40
C ARG B 94 27.06 15.67 17.23
N PRO B 95 28.00 14.69 17.17
CA PRO B 95 28.89 14.66 16.01
C PRO B 95 28.18 14.53 14.66
N GLN B 96 27.06 13.80 14.61
CA GLN B 96 26.28 13.65 13.38
C GLN B 96 25.59 14.95 12.97
N VAL B 97 25.04 15.68 13.94
CA VAL B 97 24.40 16.97 13.69
C VAL B 97 25.40 17.91 13.00
N ASN B 98 26.59 17.99 13.58
CA ASN B 98 27.65 18.79 13.01
C ASN B 98 27.97 18.40 11.58
N GLN B 99 28.11 17.09 11.33
CA GLN B 99 28.40 16.61 9.99
C GLN B 99 27.29 16.95 9.00
N ALA B 100 26.05 16.89 9.49
CA ALA B 100 24.87 17.13 8.67
C ALA B 100 24.75 18.59 8.26
N ASN B 101 25.05 19.49 9.20
CA ASN B 101 25.00 20.92 8.91
C ASN B 101 26.09 21.39 7.96
N ALA B 102 27.22 20.69 7.96
CA ALA B 102 28.33 21.06 7.07
C ALA B 102 28.02 20.63 5.64
N ARG B 103 27.26 19.53 5.52
CA ARG B 103 26.79 19.07 4.23
C ARG B 103 25.79 20.07 3.63
N ALA B 104 24.88 20.57 4.48
CA ALA B 104 23.94 21.63 4.07
C ALA B 104 24.68 22.88 3.59
N THR B 105 25.47 23.49 4.47
CA THR B 105 26.13 24.75 4.11
C THR B 105 27.11 24.54 2.95
N ALA B 106 27.57 23.31 2.79
CA ALA B 106 28.50 22.98 1.70
C ALA B 106 27.80 22.91 0.35
N ALA B 107 26.51 22.59 0.36
CA ALA B 107 25.71 22.56 -0.87
C ALA B 107 24.92 23.87 -1.08
N GLY B 108 25.26 24.90 -0.30
CA GLY B 108 24.54 26.17 -0.34
C GLY B 108 23.10 26.10 0.16
N LEU B 109 22.72 24.97 0.75
CA LEU B 109 21.34 24.77 1.19
C LEU B 109 21.06 25.24 2.62
N ALA B 110 22.03 25.94 3.22
CA ALA B 110 22.00 26.29 4.65
C ALA B 110 20.81 27.15 5.10
N ASN B 111 20.31 28.00 4.20
CA ASN B 111 19.23 28.94 4.53
C ASN B 111 17.83 28.32 4.78
N ARG B 112 17.75 26.99 4.91
CA ARG B 112 16.45 26.28 4.98
C ARG B 112 16.53 24.88 5.62
N VAL B 113 17.60 24.17 5.30
CA VAL B 113 17.96 22.90 5.93
C VAL B 113 18.87 23.16 7.13
N THR B 114 18.36 22.87 8.32
CA THR B 114 19.13 22.96 9.55
C THR B 114 18.95 21.65 10.32
N PHE B 115 19.89 21.36 11.20
CA PHE B 115 19.85 20.18 12.06
C PHE B 115 20.21 20.57 13.48
N SER B 116 19.54 19.94 14.43
CA SER B 116 19.83 20.17 15.84
C SER B 116 19.70 18.90 16.66
N TYR B 117 20.37 18.85 17.80
CA TYR B 117 20.23 17.74 18.76
C TYR B 117 18.84 17.71 19.40
N ALA B 118 18.26 16.51 19.51
CA ALA B 118 16.95 16.35 20.18
C ALA B 118 16.51 14.89 20.30
N ASP B 119 15.75 14.59 21.33
CA ASP B 119 15.17 13.26 21.48
C ASP B 119 13.74 13.22 20.93
N ALA B 120 13.36 12.08 20.34
CA ALA B 120 12.02 11.90 19.80
C ALA B 120 10.97 11.76 20.89
N MSE B 121 11.36 11.20 22.03
CA MSE B 121 10.43 11.04 23.15
C MSE B 121 10.03 12.41 23.74
O MSE B 121 9.13 12.48 24.58
CB MSE B 121 11.04 10.14 24.25
CG MSE B 121 11.76 8.90 23.74
SE MSE B 121 10.59 7.56 22.98
CE MSE B 121 10.10 6.63 24.56
N ASP B 122 10.66 13.49 23.26
CA ASP B 122 10.38 14.87 23.71
C ASP B 122 10.74 15.96 22.69
N LEU B 123 9.82 16.25 21.77
CA LEU B 123 10.10 17.27 20.75
C LEU B 123 9.84 18.69 21.26
N PRO B 124 10.81 19.60 21.04
CA PRO B 124 10.76 20.95 21.60
C PRO B 124 9.98 21.97 20.76
N PHE B 125 9.51 21.55 19.58
CA PHE B 125 8.67 22.40 18.72
C PHE B 125 7.25 22.46 19.28
N GLU B 126 6.56 23.58 19.06
CA GLU B 126 5.16 23.72 19.48
C GLU B 126 4.24 22.78 18.66
N ASP B 127 2.95 22.77 18.99
CA ASP B 127 1.98 21.94 18.27
C ASP B 127 1.73 22.43 16.83
N ALA B 128 1.13 21.57 16.01
CA ALA B 128 0.82 21.87 14.61
C ALA B 128 1.75 22.92 13.98
N SER B 129 3.03 22.59 13.86
CA SER B 129 4.01 23.51 13.28
C SER B 129 4.85 22.91 12.14
N PHE B 130 4.44 21.75 11.62
CA PHE B 130 5.05 21.21 10.41
C PHE B 130 4.00 20.72 9.42
N ASP B 131 4.37 20.71 8.14
CA ASP B 131 3.53 20.15 7.09
C ASP B 131 3.62 18.61 7.04
N ALA B 132 4.84 18.09 7.17
CA ALA B 132 5.11 16.65 7.05
C ALA B 132 6.23 16.13 7.96
N VAL B 133 6.10 14.90 8.41
CA VAL B 133 7.12 14.27 9.23
C VAL B 133 7.58 13.03 8.52
N TRP B 134 8.89 12.78 8.49
CA TRP B 134 9.35 11.44 8.13
C TRP B 134 10.38 10.83 9.07
N ALA B 135 10.31 9.50 9.18
CA ALA B 135 11.21 8.72 9.99
C ALA B 135 11.79 7.67 9.10
N LEU B 136 12.93 7.97 8.49
CA LEU B 136 13.57 7.05 7.56
C LEU B 136 14.60 6.20 8.30
N GLU B 137 14.21 4.97 8.64
CA GLU B 137 15.10 3.94 9.19
C GLU B 137 15.54 4.34 10.60
N SER B 138 14.64 5.00 11.34
CA SER B 138 14.98 5.55 12.65
C SER B 138 14.15 5.05 13.85
N LEU B 139 12.90 4.72 13.61
CA LEU B 139 11.99 4.31 14.68
C LEU B 139 12.43 3.09 15.51
N HIS B 140 13.17 2.16 14.92
CA HIS B 140 13.63 0.98 15.64
C HIS B 140 14.61 1.31 16.80
N HIS B 141 15.08 2.56 16.86
CA HIS B 141 15.96 3.01 17.95
C HIS B 141 15.21 3.44 19.22
N MSE B 142 13.91 3.68 19.09
CA MSE B 142 13.12 4.18 20.20
C MSE B 142 13.02 3.16 21.32
O MSE B 142 12.92 1.95 21.07
CB MSE B 142 11.73 4.61 19.73
CG MSE B 142 11.76 5.70 18.69
SE MSE B 142 13.04 7.08 19.10
CE MSE B 142 13.33 7.74 17.23
N PRO B 143 13.02 3.64 22.58
CA PRO B 143 12.79 2.74 23.70
C PRO B 143 11.32 2.36 23.79
N ASP B 144 10.45 3.19 23.22
CA ASP B 144 9.05 2.86 23.03
C ASP B 144 8.52 3.61 21.81
N ARG B 145 8.34 2.89 20.71
CA ARG B 145 7.99 3.56 19.44
C ARG B 145 6.57 4.16 19.40
N GLY B 146 5.75 3.81 20.38
CA GLY B 146 4.42 4.43 20.53
C GLY B 146 4.52 5.92 20.83
N ARG B 147 5.43 6.27 21.74
CA ARG B 147 5.56 7.65 22.22
C ARG B 147 6.10 8.56 21.14
N ALA B 148 6.98 8.05 20.29
CA ALA B 148 7.55 8.85 19.21
C ALA B 148 6.46 9.22 18.21
N LEU B 149 5.66 8.23 17.82
CA LEU B 149 4.55 8.47 16.90
C LEU B 149 3.57 9.48 17.50
N ARG B 150 3.19 9.25 18.75
CA ARG B 150 2.29 10.14 19.47
C ARG B 150 2.81 11.58 19.41
N GLU B 151 4.11 11.75 19.64
CA GLU B 151 4.74 13.07 19.62
C GLU B 151 4.88 13.61 18.21
N MSE B 152 5.17 12.73 17.26
CA MSE B 152 5.17 13.09 15.84
C MSE B 152 3.82 13.66 15.36
O MSE B 152 3.78 14.53 14.49
CB MSE B 152 5.61 11.90 14.97
CG MSE B 152 7.13 11.71 14.86
SE MSE B 152 7.65 9.96 14.10
CE MSE B 152 6.68 9.99 12.49
N ALA B 153 2.72 13.18 15.93
CA ALA B 153 1.39 13.65 15.55
C ALA B 153 1.08 14.97 16.23
N ARG B 154 1.81 15.25 17.30
CA ARG B 154 1.60 16.45 18.10
C ARG B 154 2.13 17.68 17.37
N VAL B 155 3.20 17.51 16.62
CA VAL B 155 3.88 18.61 15.92
C VAL B 155 3.33 18.77 14.50
N LEU B 156 2.56 17.78 14.07
CA LEU B 156 1.94 17.79 12.76
C LEU B 156 0.66 18.61 12.74
N ARG B 157 0.45 19.36 11.66
CA ARG B 157 -0.76 20.15 11.47
C ARG B 157 -1.88 19.30 10.87
N PRO B 158 -3.15 19.74 11.02
CA PRO B 158 -4.25 19.00 10.41
C PRO B 158 -4.05 18.88 8.89
N GLY B 159 -4.23 17.66 8.37
CA GLY B 159 -4.09 17.40 6.94
C GLY B 159 -2.67 17.10 6.51
N GLY B 160 -1.74 17.18 7.48
CA GLY B 160 -0.35 16.89 7.23
C GLY B 160 -0.12 15.44 6.89
N THR B 161 1.06 15.14 6.36
CA THR B 161 1.37 13.76 5.98
C THR B 161 2.54 13.19 6.77
N VAL B 162 2.68 11.87 6.70
CA VAL B 162 3.73 11.14 7.39
C VAL B 162 4.22 10.07 6.44
N ALA B 163 5.53 9.86 6.38
CA ALA B 163 6.12 8.72 5.67
C ALA B 163 7.10 8.00 6.59
N ILE B 164 7.11 6.66 6.52
CA ILE B 164 7.99 5.85 7.39
C ILE B 164 8.66 4.67 6.65
N ALA B 165 9.97 4.55 6.82
CA ALA B 165 10.72 3.41 6.30
C ALA B 165 11.41 2.68 7.47
N ASP B 166 11.36 1.35 7.52
CA ASP B 166 11.98 0.57 8.62
C ASP B 166 12.11 -0.95 8.43
N PHE B 167 13.03 -1.56 9.20
CA PHE B 167 13.16 -3.02 9.27
C PHE B 167 11.94 -3.55 9.96
N VAL B 168 11.49 -4.70 9.49
CA VAL B 168 10.39 -5.41 10.07
C VAL B 168 10.79 -6.87 10.16
N LEU B 169 10.30 -7.56 11.19
CA LEU B 169 10.40 -9.01 11.24
C LEU B 169 9.06 -9.56 10.78
N LEU B 170 9.05 -10.23 9.62
CA LEU B 170 7.83 -10.72 8.98
C LEU B 170 7.19 -11.87 9.77
N ALA B 171 7.72 -13.07 9.62
CA ALA B 171 7.31 -14.20 10.46
C ALA B 171 8.24 -14.32 11.69
N PRO B 172 7.68 -14.76 12.84
CA PRO B 172 8.47 -15.06 14.04
C PRO B 172 9.63 -16.00 13.72
N VAL B 173 10.77 -15.80 14.38
CA VAL B 173 11.99 -16.53 14.07
C VAL B 173 12.40 -17.59 15.12
N GLU B 174 13.17 -18.60 14.69
CA GLU B 174 13.60 -19.69 15.56
C GLU B 174 15.03 -20.16 15.29
N GLY B 175 15.69 -20.62 16.36
CA GLY B 175 16.98 -21.32 16.28
C GLY B 175 18.16 -20.50 15.78
N ALA B 176 18.76 -20.96 14.68
CA ALA B 176 19.89 -20.27 14.05
C ALA B 176 19.47 -18.89 13.57
N LYS B 177 18.24 -18.81 13.05
CA LYS B 177 17.65 -17.55 12.65
C LYS B 177 17.51 -16.60 13.84
N LYS B 178 17.09 -17.13 14.99
CA LYS B 178 16.93 -16.33 16.21
C LYS B 178 18.24 -15.64 16.57
N GLU B 179 19.32 -16.40 16.63
CA GLU B 179 20.60 -15.85 17.05
C GLU B 179 21.26 -14.88 16.04
N ALA B 180 20.96 -15.03 14.75
CA ALA B 180 21.52 -14.13 13.72
C ALA B 180 20.74 -12.80 13.60
N VAL B 181 19.59 -12.75 14.28
CA VAL B 181 18.73 -11.56 14.31
C VAL B 181 19.05 -10.72 15.54
N ASP B 182 19.15 -11.38 16.69
CA ASP B 182 19.52 -10.70 17.94
C ASP B 182 20.99 -10.28 17.86
N ALA B 183 21.72 -10.91 16.94
CA ALA B 183 23.07 -10.50 16.56
C ALA B 183 23.00 -9.11 15.92
N PHE B 184 22.10 -8.99 14.93
CA PHE B 184 21.87 -7.76 14.21
C PHE B 184 21.29 -6.68 15.12
N ARG B 185 20.47 -7.08 16.09
CA ARG B 185 19.90 -6.13 17.05
C ARG B 185 20.95 -5.52 17.98
N ALA B 186 21.87 -6.33 18.46
CA ALA B 186 22.96 -5.85 19.32
C ALA B 186 23.92 -4.95 18.55
N GLY B 187 24.16 -5.25 17.29
CA GLY B 187 25.11 -4.48 16.48
C GLY B 187 24.58 -3.11 16.09
N GLY B 188 23.28 -3.05 15.78
CA GLY B 188 22.64 -1.84 15.28
C GLY B 188 21.68 -1.13 16.23
N GLY B 189 21.68 -1.49 17.51
CA GLY B 189 20.78 -0.89 18.49
C GLY B 189 19.32 -0.95 18.06
N VAL B 190 18.87 -2.15 17.69
CA VAL B 190 17.49 -2.37 17.29
C VAL B 190 16.65 -2.76 18.49
N LEU B 191 16.08 -1.74 19.14
CA LEU B 191 15.32 -1.92 20.37
C LEU B 191 13.85 -2.26 20.11
N SER B 192 13.22 -1.55 19.19
CA SER B 192 11.85 -1.84 18.79
C SER B 192 11.83 -2.62 17.48
N LEU B 193 11.46 -3.89 17.53
CA LEU B 193 11.31 -4.66 16.31
C LEU B 193 10.08 -5.55 16.36
N GLY B 194 9.10 -5.26 15.51
CA GLY B 194 7.88 -6.09 15.43
C GLY B 194 7.49 -6.50 14.02
N GLY B 195 6.20 -6.80 13.84
CA GLY B 195 5.65 -7.12 12.53
C GLY B 195 4.99 -5.92 11.89
N ILE B 196 4.52 -6.08 10.66
CA ILE B 196 3.88 -4.98 9.94
C ILE B 196 2.55 -4.58 10.60
N ASP B 197 1.74 -5.58 10.96
CA ASP B 197 0.44 -5.28 11.58
C ASP B 197 0.57 -4.52 12.90
N GLU B 198 1.52 -4.95 13.74
CA GLU B 198 1.78 -4.30 15.01
C GLU B 198 2.30 -2.88 14.80
N TYR B 199 2.95 -2.66 13.66
CA TYR B 199 3.42 -1.35 13.23
C TYR B 199 2.25 -0.43 12.83
N GLU B 200 1.34 -0.96 12.02
CA GLU B 200 0.12 -0.25 11.62
C GLU B 200 -0.72 0.14 12.82
N SER B 201 -0.77 -0.74 13.82
CA SER B 201 -1.48 -0.47 15.08
C SER B 201 -0.93 0.74 15.82
N ASP B 202 0.40 0.81 15.94
CA ASP B 202 1.07 1.93 16.59
C ASP B 202 0.76 3.28 15.90
N VAL B 203 0.75 3.27 14.57
CA VAL B 203 0.43 4.46 13.75
C VAL B 203 -1.01 4.93 13.98
N ARG B 204 -1.94 3.97 14.05
CA ARG B 204 -3.35 4.30 14.28
C ARG B 204 -3.60 4.80 15.71
N GLN B 205 -2.93 4.16 16.68
CA GLN B 205 -3.09 4.55 18.09
C GLN B 205 -2.35 5.84 18.46
N ALA B 206 -2.36 6.80 17.53
CA ALA B 206 -1.83 8.13 17.75
C ALA B 206 -2.67 9.13 16.96
N GLU B 207 -3.94 8.75 16.72
CA GLU B 207 -4.93 9.53 15.96
C GLU B 207 -4.48 9.92 14.53
N LEU B 208 -3.77 9.01 13.88
CA LEU B 208 -3.36 9.15 12.48
C LEU B 208 -4.03 8.06 11.63
N VAL B 209 -4.19 8.34 10.34
CA VAL B 209 -4.87 7.40 9.43
C VAL B 209 -3.86 6.84 8.46
N VAL B 210 -3.73 5.52 8.42
CA VAL B 210 -2.79 4.91 7.47
C VAL B 210 -3.39 4.78 6.07
N THR B 211 -2.60 5.22 5.09
CA THR B 211 -3.05 5.40 3.72
C THR B 211 -2.35 4.51 2.69
N SER B 212 -1.13 4.09 2.99
CA SER B 212 -0.30 3.34 2.07
C SER B 212 0.64 2.43 2.85
N THR B 213 0.63 1.14 2.55
CA THR B 213 1.52 0.17 3.20
C THR B 213 2.04 -0.84 2.18
N VAL B 214 3.36 -0.81 1.96
CA VAL B 214 4.00 -1.56 0.88
C VAL B 214 5.23 -2.37 1.38
N ASP B 215 5.14 -3.68 1.28
CA ASP B 215 6.22 -4.57 1.69
C ASP B 215 7.30 -4.55 0.62
N ILE B 216 8.43 -3.92 0.96
CA ILE B 216 9.52 -3.66 0.04
C ILE B 216 10.73 -4.65 0.15
N SER B 217 10.54 -5.75 0.88
CA SER B 217 11.60 -6.73 1.11
C SER B 217 12.41 -7.11 -0.12
N ALA B 218 11.72 -7.60 -1.14
CA ALA B 218 12.36 -8.07 -2.37
C ALA B 218 13.30 -7.05 -3.02
N GLN B 219 13.09 -5.77 -2.73
CA GLN B 219 13.84 -4.68 -3.37
C GLN B 219 14.97 -4.14 -2.49
N ALA B 220 14.97 -4.57 -1.23
CA ALA B 220 15.84 -4.00 -0.22
C ALA B 220 16.85 -5.02 0.33
N ARG B 221 16.50 -6.30 0.30
CA ARG B 221 17.32 -7.38 0.85
C ARG B 221 18.79 -7.41 0.37
N PRO B 222 19.04 -7.35 -0.96
CA PRO B 222 20.42 -7.41 -1.44
C PRO B 222 21.34 -6.29 -0.92
N SER B 223 20.77 -5.29 -0.25
CA SER B 223 21.54 -4.21 0.39
C SER B 223 22.58 -4.75 1.36
N LEU B 224 22.30 -5.94 1.91
CA LEU B 224 23.14 -6.58 2.91
C LEU B 224 24.41 -7.18 2.29
N VAL B 225 24.23 -8.04 1.28
CA VAL B 225 25.37 -8.64 0.57
C VAL B 225 26.19 -7.55 -0.13
N LYS B 226 25.50 -6.60 -0.75
CA LYS B 226 26.19 -5.52 -1.45
C LYS B 226 27.08 -4.69 -0.50
N THR B 227 26.66 -4.54 0.75
CA THR B 227 27.39 -3.73 1.74
C THR B 227 28.54 -4.56 2.34
N ALA B 228 28.23 -5.78 2.75
CA ALA B 228 29.27 -6.77 3.09
C ALA B 228 30.39 -6.73 2.06
N GLU B 229 30.04 -6.86 0.78
CA GLU B 229 31.02 -6.83 -0.29
C GLU B 229 31.76 -5.48 -0.40
N ALA B 230 31.08 -4.38 -0.08
CA ALA B 230 31.69 -3.04 -0.14
C ALA B 230 32.72 -2.75 0.96
N PHE B 231 32.48 -3.31 2.15
CA PHE B 231 33.37 -3.15 3.29
C PHE B 231 34.63 -4.01 3.19
N GLU B 232 34.46 -5.21 2.64
CA GLU B 232 35.55 -6.15 2.38
C GLU B 232 36.57 -5.58 1.39
N ASN B 233 36.09 -4.78 0.43
CA ASN B 233 36.98 -4.09 -0.51
C ASN B 233 37.71 -2.89 0.10
N ALA B 234 37.09 -2.28 1.10
CA ALA B 234 37.68 -1.15 1.82
C ALA B 234 38.36 -1.61 3.10
N ARG B 235 38.65 -2.91 3.18
CA ARG B 235 39.09 -3.56 4.40
C ARG B 235 40.27 -2.89 5.09
N SER B 236 41.33 -2.62 4.34
CA SER B 236 42.55 -2.03 4.93
C SER B 236 42.28 -0.60 5.40
N GLN B 237 41.39 0.09 4.70
CA GLN B 237 41.08 1.48 5.01
C GLN B 237 40.11 1.63 6.18
N VAL B 238 39.42 0.56 6.55
CA VAL B 238 38.42 0.60 7.62
C VAL B 238 38.94 -0.04 8.89
N GLU B 239 39.72 -1.12 8.75
CA GLU B 239 40.29 -1.88 9.89
C GLU B 239 40.68 -1.01 11.09
N PRO B 240 41.47 0.06 10.88
CA PRO B 240 42.01 0.79 12.03
C PRO B 240 40.98 1.55 12.86
N PHE B 241 39.82 1.88 12.28
CA PHE B 241 38.76 2.57 13.04
C PHE B 241 38.02 1.60 13.97
N MSE B 242 37.50 0.52 13.41
CA MSE B 242 36.72 -0.50 14.13
C MSE B 242 37.58 -1.60 14.76
O MSE B 242 37.26 -2.09 15.85
CB MSE B 242 35.73 -1.19 13.19
CG MSE B 242 34.69 -0.31 12.53
SE MSE B 242 33.61 -1.41 11.32
CE MSE B 242 32.01 -0.31 11.23
N GLY B 243 38.63 -2.02 14.07
CA GLY B 243 39.41 -3.19 14.50
C GLY B 243 38.89 -4.41 13.76
N ALA B 244 39.82 -5.32 13.40
CA ALA B 244 39.53 -6.53 12.63
C ALA B 244 38.39 -7.36 13.23
N GLU B 245 38.44 -7.55 14.54
CA GLU B 245 37.36 -8.16 15.33
C GLU B 245 35.98 -7.67 14.93
N GLY B 246 35.66 -6.43 15.31
CA GLY B 246 34.33 -5.85 15.11
C GLY B 246 33.88 -5.75 13.66
N LEU B 247 34.85 -5.47 12.78
CA LEU B 247 34.61 -5.42 11.35
C LEU B 247 34.19 -6.80 10.85
N ASP B 248 34.87 -7.85 11.32
CA ASP B 248 34.58 -9.21 10.88
C ASP B 248 33.19 -9.70 11.28
N ARG B 249 32.73 -9.39 12.49
CA ARG B 249 31.39 -9.78 12.91
C ARG B 249 30.28 -8.98 12.22
N MSE B 250 30.57 -7.73 11.86
CA MSE B 250 29.61 -6.92 11.10
C MSE B 250 29.41 -7.52 9.70
O MSE B 250 28.28 -7.62 9.22
CB MSE B 250 30.06 -5.48 11.00
CG MSE B 250 28.92 -4.48 10.89
SE MSE B 250 29.50 -2.79 10.14
CE MSE B 250 29.84 -3.32 8.31
N ILE B 251 30.50 -7.94 9.07
CA ILE B 251 30.41 -8.65 7.80
C ILE B 251 29.67 -9.98 7.99
N ALA B 252 30.08 -10.75 9.00
CA ALA B 252 29.44 -12.04 9.29
C ALA B 252 27.93 -11.88 9.58
N THR B 253 27.58 -10.81 10.29
CA THR B 253 26.20 -10.63 10.72
C THR B 253 25.29 -10.19 9.56
N PHE B 254 25.83 -9.36 8.67
CA PHE B 254 25.14 -8.91 7.45
C PHE B 254 24.89 -10.08 6.50
N ARG B 255 25.93 -10.89 6.30
CA ARG B 255 25.84 -12.07 5.43
C ARG B 255 24.82 -13.06 5.99
N GLY B 256 24.75 -13.14 7.31
CA GLY B 256 23.79 -13.99 8.02
C GLY B 256 22.35 -13.55 7.87
N LEU B 257 22.12 -12.24 7.99
CA LEU B 257 20.77 -11.68 7.81
C LEU B 257 20.26 -11.81 6.37
N ALA B 258 21.14 -11.52 5.40
CA ALA B 258 20.84 -11.65 3.97
C ALA B 258 20.17 -12.95 3.62
N GLU B 259 20.21 -13.91 4.55
CA GLU B 259 19.78 -15.28 4.24
C GLU B 259 18.57 -15.72 5.07
N VAL B 260 17.83 -14.75 5.60
CA VAL B 260 16.60 -15.03 6.31
C VAL B 260 15.45 -14.24 5.66
N PRO B 261 14.56 -14.95 4.92
CA PRO B 261 13.33 -14.37 4.40
C PRO B 261 12.57 -13.53 5.43
N GLU B 262 12.39 -14.09 6.64
CA GLU B 262 11.64 -13.43 7.71
C GLU B 262 12.09 -12.01 8.08
N ALA B 263 13.28 -11.59 7.66
CA ALA B 263 13.77 -10.20 7.85
C ALA B 263 13.37 -9.38 6.63
N GLY B 264 12.68 -8.26 6.86
CA GLY B 264 12.02 -7.54 5.76
C GLY B 264 11.95 -6.05 5.98
N TYR B 265 11.40 -5.35 4.97
CA TYR B 265 11.44 -3.91 4.94
C TYR B 265 10.11 -3.32 4.44
N VAL B 266 9.68 -2.22 5.06
CA VAL B 266 8.34 -1.68 4.84
C VAL B 266 8.31 -0.16 4.69
N LEU B 267 7.50 0.32 3.75
CA LEU B 267 7.19 1.75 3.60
C LEU B 267 5.72 2.00 3.97
N ILE B 268 5.48 2.84 4.97
CA ILE B 268 4.10 3.18 5.35
C ILE B 268 3.75 4.64 5.41
N GLY B 269 2.71 5.01 4.67
CA GLY B 269 2.27 6.41 4.62
C GLY B 269 1.05 6.57 5.49
N ALA B 270 0.95 7.70 6.18
CA ALA B 270 -0.21 8.04 6.98
C ALA B 270 -0.51 9.53 6.83
N ARG B 271 -1.71 9.94 7.22
CA ARG B 271 -2.06 11.36 7.31
C ARG B 271 -2.77 11.66 8.63
N LYS B 272 -2.90 12.95 8.96
CA LYS B 272 -3.55 13.36 10.19
C LYS B 272 -4.90 14.02 9.90
N PRO B 273 -5.96 13.61 10.64
CA PRO B 273 -7.24 14.30 10.56
C PRO B 273 -7.08 15.79 10.88
N SAH C . -15.93 -6.99 -11.38
CA SAH C . -17.20 -6.94 -12.16
CB SAH C . -18.38 -6.42 -11.35
CG SAH C . -18.44 -6.94 -9.92
SD SAH C . -20.11 -6.81 -9.26
C SAH C . -17.00 -6.08 -13.39
O SAH C . -17.18 -6.54 -14.52
OXT SAH C . -16.67 -4.90 -13.28
C5' SAH C . -19.99 -8.41 -8.43
C4' SAH C . -20.21 -9.66 -9.29
O4' SAH C . -19.97 -10.81 -8.49
C3' SAH C . -21.61 -9.81 -9.83
O3' SAH C . -21.44 -10.15 -11.19
C2' SAH C . -22.23 -10.97 -9.05
O2' SAH C . -23.09 -11.80 -9.81
C1' SAH C . -21.02 -11.75 -8.59
N9 SAH C . -21.23 -12.40 -7.27
C8 SAH C . -21.97 -11.95 -6.21
N7 SAH C . -21.90 -12.85 -5.20
C5 SAH C . -21.11 -13.88 -5.62
C6 SAH C . -20.71 -15.06 -5.00
N6 SAH C . -21.11 -15.34 -3.76
N1 SAH C . -19.89 -15.95 -5.68
C2 SAH C . -19.48 -15.67 -6.97
N3 SAH C . -19.88 -14.49 -7.58
C4 SAH C . -20.68 -13.61 -6.92
N SAH D . 18.85 9.18 7.54
CA SAH D . 19.61 7.94 7.83
CB SAH D . 18.92 7.17 8.96
CG SAH D . 19.32 7.57 10.38
SD SAH D . 20.02 6.19 11.34
C SAH D . 19.77 7.05 6.59
O SAH D . 18.89 6.98 5.72
OXT SAH D . 20.80 6.36 6.42
C5' SAH D . 19.21 6.63 12.91
C4' SAH D . 19.34 8.07 13.38
O4' SAH D . 18.41 8.32 14.41
C3' SAH D . 20.70 8.44 13.94
O3' SAH D . 21.00 9.71 13.41
C2' SAH D . 20.50 8.52 15.44
O2' SAH D . 21.36 9.44 16.06
C1' SAH D . 19.02 8.93 15.54
N9 SAH D . 18.33 8.51 16.79
C8 SAH D . 18.45 7.31 17.43
N7 SAH D . 17.67 7.31 18.53
C5 SAH D . 17.04 8.50 18.61
C6 SAH D . 16.13 9.03 19.53
N6 SAH D . 15.73 8.31 20.57
N1 SAH D . 15.65 10.32 19.33
C2 SAH D . 16.06 11.08 18.25
N3 SAH D . 16.96 10.54 17.34
C4 SAH D . 17.45 9.28 17.52
#